data_8WGI
#
_entry.id   8WGI
#
_entity_poly.entity_id   1
_entity_poly.type   'polypeptide(L)'
_entity_poly.pdbx_seq_one_letter_code
;GCPPCLALFSPSCEELSIQECCCGW
;
_entity_poly.pdbx_strand_id   A
#
# COMPACT_ATOMS: atom_id res chain seq x y z
N GLY A 1 -9.27 -3.71 8.44
CA GLY A 1 -8.13 -3.09 7.73
C GLY A 1 -7.21 -4.14 7.13
N CYS A 2 -6.54 -3.79 6.04
CA CYS A 2 -5.61 -4.69 5.39
C CYS A 2 -4.21 -4.50 5.96
N PRO A 3 -3.60 -5.56 6.49
CA PRO A 3 -2.26 -5.50 7.09
C PRO A 3 -1.20 -4.98 6.12
N PRO A 4 -0.37 -4.03 6.55
CA PRO A 4 0.67 -3.45 5.69
C PRO A 4 1.73 -4.47 5.30
N CYS A 5 2.06 -4.51 4.01
CA CYS A 5 3.11 -5.40 3.53
C CYS A 5 4.38 -4.59 3.32
N LEU A 6 5.52 -5.27 3.36
CA LEU A 6 6.81 -4.61 3.16
C LEU A 6 7.11 -4.45 1.69
N ALA A 7 6.06 -4.38 0.89
CA ALA A 7 6.19 -4.22 -0.55
C ALA A 7 6.05 -2.76 -0.96
N LEU A 8 5.38 -1.96 -0.13
CA LEU A 8 5.13 -0.58 -0.47
C LEU A 8 6.13 0.37 0.18
N PHE A 9 7.21 0.62 -0.54
CA PHE A 9 8.20 1.60 -0.16
C PHE A 9 8.78 2.22 -1.43
N SER A 10 7.87 2.59 -2.31
CA SER A 10 8.23 3.02 -3.64
C SER A 10 7.22 4.04 -4.16
N PRO A 11 7.68 5.02 -4.95
CA PRO A 11 6.83 6.08 -5.51
C PRO A 11 5.66 5.55 -6.34
N SER A 12 5.65 4.25 -6.58
CA SER A 12 4.62 3.62 -7.38
C SER A 12 3.25 3.58 -6.67
N CYS A 13 3.24 3.84 -5.37
CA CYS A 13 1.99 3.86 -4.62
C CYS A 13 1.34 5.25 -4.65
N GLU A 14 2.13 6.23 -5.09
CA GLU A 14 1.67 7.61 -5.23
C GLU A 14 1.23 8.19 -3.88
N GLU A 15 1.96 7.83 -2.83
CA GLU A 15 1.73 8.32 -1.48
C GLU A 15 0.33 7.96 -1.00
N LEU A 16 -0.08 6.75 -1.35
CA LEU A 16 -1.35 6.20 -0.88
C LEU A 16 -1.20 5.66 0.53
N SER A 17 -2.27 5.06 1.04
CA SER A 17 -2.21 4.39 2.32
C SER A 17 -1.85 2.93 2.09
N ILE A 18 -1.44 2.23 3.13
CA ILE A 18 -1.00 0.86 2.97
C ILE A 18 -2.12 -0.03 2.44
N GLN A 19 -3.31 0.16 2.98
CA GLN A 19 -4.48 -0.59 2.54
C GLN A 19 -4.85 -0.23 1.10
N GLU A 20 -4.43 0.94 0.65
CA GLU A 20 -4.79 1.39 -0.69
C GLU A 20 -3.78 0.94 -1.74
N CYS A 21 -2.55 0.63 -1.33
CA CYS A 21 -1.54 0.17 -2.29
C CYS A 21 -1.26 -1.32 -2.15
N CYS A 22 -1.57 -1.88 -0.98
CA CYS A 22 -1.29 -3.29 -0.72
C CYS A 22 -2.59 -4.09 -0.62
N CYS A 23 -3.71 -3.43 -0.86
CA CYS A 23 -5.01 -4.06 -0.74
C CYS A 23 -6.02 -3.32 -1.60
N GLY A 24 -5.76 -3.29 -2.90
CA GLY A 24 -6.57 -2.55 -3.82
C GLY A 24 -7.95 -3.16 -4.04
N TRP A 25 -8.97 -2.41 -3.66
CA TRP A 25 -10.35 -2.83 -3.87
C TRP A 25 -11.14 -1.70 -4.50
N GLY A 1 -8.86 -4.93 9.44
CA GLY A 1 -8.41 -4.15 8.27
C GLY A 1 -7.23 -4.80 7.58
N CYS A 2 -6.76 -4.19 6.51
CA CYS A 2 -5.64 -4.73 5.76
C CYS A 2 -4.33 -4.45 6.48
N PRO A 3 -3.45 -5.45 6.58
CA PRO A 3 -2.15 -5.29 7.24
C PRO A 3 -1.12 -4.61 6.34
N PRO A 4 -0.22 -3.79 6.92
CA PRO A 4 0.85 -3.15 6.16
C PRO A 4 1.79 -4.17 5.51
N CYS A 5 2.07 -3.97 4.24
CA CYS A 5 2.94 -4.87 3.51
C CYS A 5 4.33 -4.27 3.37
N LEU A 6 5.36 -5.10 3.48
CA LEU A 6 6.74 -4.64 3.29
C LEU A 6 7.07 -4.58 1.81
N ALA A 7 6.04 -4.62 0.99
CA ALA A 7 6.18 -4.52 -0.45
C ALA A 7 6.00 -3.08 -0.92
N LEU A 8 5.41 -2.25 -0.06
CA LEU A 8 5.18 -0.87 -0.42
C LEU A 8 6.25 0.04 0.15
N PHE A 9 7.26 0.29 -0.66
CA PHE A 9 8.28 1.26 -0.36
C PHE A 9 8.71 1.91 -1.66
N SER A 10 7.71 2.30 -2.44
CA SER A 10 7.92 2.81 -3.78
C SER A 10 6.99 3.99 -4.05
N PRO A 11 7.51 5.08 -4.65
CA PRO A 11 6.72 6.26 -4.97
C PRO A 11 5.64 5.98 -6.02
N SER A 12 5.68 4.77 -6.56
CA SER A 12 4.74 4.33 -7.58
C SER A 12 3.30 4.32 -7.06
N CYS A 13 3.12 4.17 -5.75
CA CYS A 13 1.79 4.12 -5.17
C CYS A 13 1.29 5.52 -4.80
N GLU A 14 2.02 6.54 -5.27
CA GLU A 14 1.56 7.94 -5.21
C GLU A 14 1.17 8.37 -3.80
N GLU A 15 1.95 7.94 -2.80
CA GLU A 15 1.69 8.30 -1.40
C GLU A 15 0.36 7.74 -0.92
N LEU A 16 -0.02 6.60 -1.46
CA LEU A 16 -1.21 5.87 -1.01
C LEU A 16 -0.94 5.16 0.31
N SER A 17 -2.01 4.82 1.00
CA SER A 17 -1.90 4.10 2.26
C SER A 17 -1.68 2.61 1.99
N ILE A 18 -1.41 1.83 3.03
CA ILE A 18 -1.16 0.40 2.84
C ILE A 18 -2.40 -0.27 2.27
N GLN A 19 -3.55 0.13 2.78
CA GLN A 19 -4.83 -0.34 2.31
C GLN A 19 -5.04 -0.03 0.83
N GLU A 20 -4.43 1.06 0.37
CA GLU A 20 -4.66 1.53 -0.99
C GLU A 20 -3.58 1.05 -1.95
N CYS A 21 -2.42 0.68 -1.40
CA CYS A 21 -1.28 0.27 -2.23
C CYS A 21 -1.09 -1.25 -2.19
N CYS A 22 -1.57 -1.91 -1.15
CA CYS A 22 -1.40 -3.36 -1.03
C CYS A 22 -2.72 -4.10 -0.86
N CYS A 23 -3.80 -3.34 -0.66
CA CYS A 23 -5.10 -3.96 -0.43
C CYS A 23 -6.13 -3.36 -1.37
N GLY A 24 -5.64 -2.85 -2.50
CA GLY A 24 -6.50 -2.17 -3.46
C GLY A 24 -7.54 -3.09 -4.05
N TRP A 25 -8.80 -2.70 -3.92
CA TRP A 25 -9.90 -3.49 -4.45
C TRP A 25 -10.11 -3.15 -5.92
N GLY A 1 -8.38 -2.59 7.26
CA GLY A 1 -8.57 -4.06 7.36
C GLY A 1 -7.32 -4.84 6.98
N CYS A 2 -6.73 -4.49 5.85
CA CYS A 2 -5.52 -5.15 5.39
C CYS A 2 -4.33 -4.65 6.20
N PRO A 3 -3.45 -5.57 6.64
CA PRO A 3 -2.27 -5.22 7.42
C PRO A 3 -1.15 -4.66 6.56
N PRO A 4 -0.35 -3.71 7.09
CA PRO A 4 0.74 -3.08 6.36
C PRO A 4 1.73 -4.08 5.78
N CYS A 5 2.08 -3.89 4.53
CA CYS A 5 3.00 -4.78 3.84
C CYS A 5 4.40 -4.19 3.82
N LEU A 6 5.41 -5.04 3.74
CA LEU A 6 6.78 -4.58 3.58
C LEU A 6 7.12 -4.47 2.10
N ALA A 7 6.11 -4.72 1.27
CA ALA A 7 6.27 -4.60 -0.17
C ALA A 7 5.98 -3.19 -0.64
N LEU A 8 5.22 -2.42 0.14
CA LEU A 8 4.85 -1.08 -0.28
C LEU A 8 5.96 -0.09 0.02
N PHE A 9 6.85 0.05 -0.95
CA PHE A 9 7.93 1.02 -0.89
C PHE A 9 8.25 1.48 -2.30
N SER A 10 7.20 1.83 -3.02
CA SER A 10 7.31 2.24 -4.40
C SER A 10 6.58 3.56 -4.62
N PRO A 11 7.24 4.53 -5.28
CA PRO A 11 6.64 5.84 -5.56
C PRO A 11 5.37 5.74 -6.42
N SER A 12 5.15 4.57 -7.01
CA SER A 12 4.01 4.34 -7.87
C SER A 12 2.69 4.45 -7.10
N CYS A 13 2.76 4.33 -5.77
CA CYS A 13 1.56 4.40 -4.95
C CYS A 13 1.24 5.83 -4.53
N GLU A 14 2.15 6.75 -4.87
CA GLU A 14 1.99 8.19 -4.58
C GLU A 14 1.71 8.44 -3.10
N GLU A 15 2.42 7.71 -2.25
CA GLU A 15 2.30 7.82 -0.81
C GLU A 15 0.88 7.55 -0.34
N LEU A 16 0.22 6.62 -1.02
CA LEU A 16 -1.11 6.18 -0.63
C LEU A 16 -1.08 5.43 0.68
N SER A 17 -2.23 4.99 1.12
CA SER A 17 -2.34 4.22 2.35
C SER A 17 -1.94 2.77 2.08
N ILE A 18 -1.63 2.01 3.11
CA ILE A 18 -1.15 0.65 2.92
C ILE A 18 -2.20 -0.21 2.23
N GLN A 19 -3.44 -0.07 2.65
CA GLN A 19 -4.54 -0.81 2.06
C GLN A 19 -4.85 -0.30 0.65
N GLU A 20 -4.33 0.86 0.29
CA GLU A 20 -4.55 1.41 -1.03
C GLU A 20 -3.37 1.11 -1.96
N CYS A 21 -2.22 0.81 -1.38
CA CYS A 21 -1.03 0.53 -2.16
C CYS A 21 -0.74 -0.97 -2.22
N CYS A 22 -1.26 -1.72 -1.26
CA CYS A 22 -0.96 -3.14 -1.17
C CYS A 22 -2.23 -3.99 -1.15
N CYS A 23 -3.37 -3.35 -1.01
CA CYS A 23 -4.63 -4.08 -0.88
C CYS A 23 -5.72 -3.35 -1.65
N GLY A 24 -5.34 -2.74 -2.76
CA GLY A 24 -6.26 -1.92 -3.52
C GLY A 24 -7.15 -2.72 -4.44
N TRP A 25 -8.12 -3.41 -3.86
CA TRP A 25 -9.10 -4.15 -4.63
C TRP A 25 -10.50 -3.91 -4.05
N GLY A 1 -8.58 -4.74 8.04
CA GLY A 1 -8.61 -5.49 6.77
C GLY A 1 -7.24 -5.95 6.34
N CYS A 2 -6.65 -5.24 5.39
CA CYS A 2 -5.31 -5.57 4.92
C CYS A 2 -4.28 -4.84 5.76
N PRO A 3 -3.32 -5.58 6.35
CA PRO A 3 -2.29 -5.01 7.20
C PRO A 3 -1.13 -4.42 6.39
N PRO A 4 -0.38 -3.45 6.96
CA PRO A 4 0.74 -2.83 6.27
C PRO A 4 1.75 -3.86 5.79
N CYS A 5 2.12 -3.72 4.54
CA CYS A 5 3.05 -4.64 3.91
C CYS A 5 4.44 -4.00 3.81
N LEU A 6 5.47 -4.82 3.83
CA LEU A 6 6.83 -4.33 3.63
C LEU A 6 7.15 -4.34 2.14
N ALA A 7 6.11 -4.51 1.33
CA ALA A 7 6.23 -4.49 -0.11
C ALA A 7 5.97 -3.10 -0.66
N LEU A 8 5.32 -2.25 0.13
CA LEU A 8 5.02 -0.91 -0.33
C LEU A 8 6.19 0.02 -0.07
N PHE A 9 7.05 0.13 -1.08
CA PHE A 9 8.21 1.00 -1.06
C PHE A 9 8.50 1.48 -2.47
N SER A 10 7.46 1.99 -3.12
CA SER A 10 7.54 2.39 -4.51
C SER A 10 6.79 3.69 -4.76
N PRO A 11 7.34 4.55 -5.63
CA PRO A 11 6.71 5.82 -6.01
C PRO A 11 5.44 5.61 -6.83
N SER A 12 5.18 4.36 -7.19
CA SER A 12 3.99 4.02 -7.96
C SER A 12 2.71 4.22 -7.14
N CYS A 13 2.82 4.11 -5.81
CA CYS A 13 1.65 4.21 -4.95
C CYS A 13 1.40 5.64 -4.48
N GLU A 14 2.30 6.56 -4.84
CA GLU A 14 2.17 7.99 -4.54
C GLU A 14 1.94 8.23 -3.04
N GLU A 15 2.61 7.42 -2.21
CA GLU A 15 2.50 7.52 -0.76
C GLU A 15 1.07 7.33 -0.29
N LEU A 16 0.38 6.41 -0.94
CA LEU A 16 -0.96 5.99 -0.56
C LEU A 16 -0.96 5.33 0.81
N SER A 17 -2.14 4.93 1.25
CA SER A 17 -2.27 4.21 2.49
C SER A 17 -1.99 2.73 2.25
N ILE A 18 -1.80 1.95 3.30
CA ILE A 18 -1.42 0.57 3.13
C ILE A 18 -2.52 -0.23 2.43
N GLN A 19 -3.76 0.02 2.83
CA GLN A 19 -4.91 -0.63 2.21
C GLN A 19 -5.14 -0.11 0.79
N GLU A 20 -4.47 0.97 0.42
CA GLU A 20 -4.64 1.53 -0.92
C GLU A 20 -3.47 1.16 -1.83
N CYS A 21 -2.34 0.78 -1.24
CA CYS A 21 -1.17 0.38 -2.02
C CYS A 21 -0.97 -1.14 -1.98
N CYS A 22 -1.41 -1.77 -0.91
CA CYS A 22 -1.24 -3.22 -0.75
C CYS A 22 -2.58 -3.92 -0.63
N CYS A 23 -3.65 -3.20 -0.92
CA CYS A 23 -4.99 -3.76 -0.85
C CYS A 23 -5.93 -2.95 -1.75
N GLY A 24 -5.33 -2.29 -2.75
CA GLY A 24 -6.10 -1.48 -3.66
C GLY A 24 -6.52 -2.27 -4.87
N TRP A 25 -7.69 -2.84 -4.80
CA TRP A 25 -8.17 -3.73 -5.84
C TRP A 25 -9.20 -3.04 -6.72
N GLY A 1 -8.14 -3.36 8.77
CA GLY A 1 -8.58 -4.46 7.87
C GLY A 1 -7.44 -5.04 7.07
N CYS A 2 -6.81 -4.21 6.26
CA CYS A 2 -5.68 -4.63 5.45
C CYS A 2 -4.38 -4.50 6.25
N PRO A 3 -3.71 -5.62 6.50
CA PRO A 3 -2.42 -5.61 7.20
C PRO A 3 -1.30 -5.06 6.30
N PRO A 4 -0.49 -4.11 6.82
CA PRO A 4 0.57 -3.49 6.03
C PRO A 4 1.65 -4.47 5.63
N CYS A 5 2.00 -4.45 4.35
CA CYS A 5 3.07 -5.30 3.83
C CYS A 5 4.33 -4.46 3.62
N LEU A 6 5.46 -5.13 3.48
CA LEU A 6 6.72 -4.44 3.23
C LEU A 6 6.97 -4.32 1.74
N ALA A 7 5.88 -4.32 0.99
CA ALA A 7 5.95 -4.22 -0.46
C ALA A 7 5.70 -2.79 -0.92
N LEU A 8 5.27 -1.93 -0.01
CA LEU A 8 5.00 -0.54 -0.36
C LEU A 8 6.09 0.39 0.14
N PHE A 9 7.08 0.59 -0.71
CA PHE A 9 8.14 1.55 -0.45
C PHE A 9 8.61 2.13 -1.77
N SER A 10 7.65 2.55 -2.57
CA SER A 10 7.93 3.04 -3.91
C SER A 10 6.90 4.10 -4.32
N PRO A 11 7.36 5.14 -5.03
CA PRO A 11 6.48 6.21 -5.56
C PRO A 11 5.40 5.68 -6.50
N SER A 12 5.49 4.40 -6.83
CA SER A 12 4.50 3.74 -7.69
C SER A 12 3.09 3.90 -7.13
N CYS A 13 2.95 3.80 -5.81
CA CYS A 13 1.67 3.95 -5.16
C CYS A 13 1.39 5.41 -4.79
N GLU A 14 2.27 6.29 -5.27
CA GLU A 14 2.15 7.73 -5.07
C GLU A 14 1.91 8.11 -3.61
N GLU A 15 2.59 7.41 -2.70
CA GLU A 15 2.49 7.68 -1.27
C GLU A 15 1.08 7.48 -0.76
N LEU A 16 0.40 6.48 -1.31
CA LEU A 16 -0.92 6.08 -0.85
C LEU A 16 -0.85 5.46 0.53
N SER A 17 -2.00 5.07 1.04
CA SER A 17 -2.06 4.42 2.34
C SER A 17 -1.76 2.93 2.17
N ILE A 18 -1.58 2.20 3.26
CA ILE A 18 -1.17 0.82 3.14
C ILE A 18 -2.26 -0.03 2.49
N GLN A 19 -3.49 0.19 2.88
CA GLN A 19 -4.61 -0.51 2.29
C GLN A 19 -4.73 -0.14 0.82
N GLU A 20 -4.54 1.14 0.51
CA GLU A 20 -4.74 1.63 -0.85
C GLU A 20 -3.62 1.16 -1.78
N CYS A 21 -2.47 0.80 -1.22
CA CYS A 21 -1.35 0.35 -2.06
C CYS A 21 -1.19 -1.17 -1.99
N CYS A 22 -1.40 -1.75 -0.82
CA CYS A 22 -1.12 -3.18 -0.63
C CYS A 22 -2.39 -4.03 -0.79
N CYS A 23 -3.54 -3.38 -0.82
CA CYS A 23 -4.80 -4.09 -0.96
C CYS A 23 -5.66 -3.47 -2.07
N GLY A 24 -5.50 -3.99 -3.28
CA GLY A 24 -6.31 -3.53 -4.39
C GLY A 24 -7.68 -4.16 -4.38
N TRP A 25 -8.42 -3.93 -3.31
CA TRP A 25 -9.74 -4.54 -3.13
C TRP A 25 -10.75 -3.47 -2.74
N GLY A 1 -9.21 -4.84 8.94
CA GLY A 1 -8.57 -3.99 7.91
C GLY A 1 -7.41 -4.70 7.24
N CYS A 2 -6.72 -4.00 6.35
CA CYS A 2 -5.60 -4.57 5.63
C CYS A 2 -4.29 -4.28 6.37
N PRO A 3 -3.43 -5.29 6.52
CA PRO A 3 -2.14 -5.14 7.20
C PRO A 3 -1.09 -4.54 6.27
N PRO A 4 -0.25 -3.62 6.79
CA PRO A 4 0.83 -3.01 6.01
C PRO A 4 1.77 -4.05 5.43
N CYS A 5 2.09 -3.88 4.16
CA CYS A 5 2.95 -4.82 3.46
C CYS A 5 4.37 -4.31 3.46
N LEU A 6 5.33 -5.22 3.31
CA LEU A 6 6.73 -4.84 3.27
C LEU A 6 7.21 -4.68 1.84
N ALA A 7 6.25 -4.70 0.91
CA ALA A 7 6.57 -4.54 -0.51
C ALA A 7 6.44 -3.09 -0.93
N LEU A 8 5.54 -2.34 -0.29
CA LEU A 8 5.28 -0.97 -0.69
C LEU A 8 6.24 0.01 -0.04
N PHE A 9 7.32 0.30 -0.74
CA PHE A 9 8.30 1.27 -0.28
C PHE A 9 8.88 1.99 -1.48
N SER A 10 7.99 2.43 -2.34
CA SER A 10 8.35 3.12 -3.57
C SER A 10 7.28 4.14 -3.92
N PRO A 11 7.69 5.30 -4.48
CA PRO A 11 6.78 6.39 -4.87
C PRO A 11 5.71 5.97 -5.88
N SER A 12 5.81 4.74 -6.38
CA SER A 12 4.84 4.19 -7.32
C SER A 12 3.43 4.13 -6.72
N CYS A 13 3.35 4.16 -5.40
CA CYS A 13 2.07 4.18 -4.71
C CYS A 13 1.58 5.61 -4.52
N GLU A 14 2.41 6.59 -4.88
CA GLU A 14 2.03 8.00 -4.89
C GLU A 14 1.29 8.42 -3.62
N GLU A 15 1.97 8.23 -2.48
CA GLU A 15 1.45 8.62 -1.16
C GLU A 15 0.17 7.88 -0.78
N LEU A 16 -0.14 6.81 -1.50
CA LEU A 16 -1.26 5.96 -1.13
C LEU A 16 -0.99 5.23 0.16
N SER A 17 -2.05 4.89 0.86
CA SER A 17 -1.94 4.16 2.11
C SER A 17 -1.81 2.68 1.82
N ILE A 18 -1.37 1.89 2.80
CA ILE A 18 -1.09 0.48 2.55
C ILE A 18 -2.32 -0.26 2.04
N GLN A 19 -3.46 0.03 2.66
CA GLN A 19 -4.73 -0.56 2.26
C GLN A 19 -5.10 -0.17 0.83
N GLU A 20 -4.52 0.92 0.34
CA GLU A 20 -4.88 1.44 -0.97
C GLU A 20 -3.90 1.02 -2.06
N CYS A 21 -2.69 0.59 -1.68
CA CYS A 21 -1.72 0.19 -2.69
C CYS A 21 -1.40 -1.31 -2.59
N CYS A 22 -1.75 -1.93 -1.48
CA CYS A 22 -1.45 -3.34 -1.30
C CYS A 22 -2.71 -4.14 -0.97
N CYS A 23 -3.87 -3.49 -1.03
CA CYS A 23 -5.10 -4.14 -0.64
C CYS A 23 -6.30 -3.51 -1.34
N GLY A 24 -7.45 -4.14 -1.21
CA GLY A 24 -8.66 -3.61 -1.78
C GLY A 24 -9.87 -4.01 -0.97
N TRP A 25 -9.70 -4.05 0.35
CA TRP A 25 -10.77 -4.44 1.26
C TRP A 25 -10.92 -3.41 2.36
N GLY A 1 -9.56 -4.20 8.83
CA GLY A 1 -8.50 -3.44 8.13
C GLY A 1 -7.45 -4.35 7.52
N CYS A 2 -6.70 -3.83 6.58
CA CYS A 2 -5.66 -4.59 5.92
C CYS A 2 -4.32 -4.36 6.61
N PRO A 3 -3.45 -5.38 6.66
CA PRO A 3 -2.13 -5.27 7.27
C PRO A 3 -1.13 -4.56 6.35
N PRO A 4 -0.24 -3.73 6.92
CA PRO A 4 0.81 -3.05 6.16
C PRO A 4 1.74 -4.05 5.48
N CYS A 5 2.01 -3.81 4.22
CA CYS A 5 2.85 -4.70 3.44
C CYS A 5 4.26 -4.16 3.33
N LEU A 6 5.22 -5.05 3.18
CA LEU A 6 6.62 -4.66 3.15
C LEU A 6 7.08 -4.44 1.72
N ALA A 7 6.14 -4.55 0.80
CA ALA A 7 6.43 -4.33 -0.61
C ALA A 7 6.21 -2.86 -0.99
N LEU A 8 5.46 -2.14 -0.17
CA LEU A 8 5.17 -0.75 -0.49
C LEU A 8 6.25 0.17 0.08
N PHE A 9 7.26 0.42 -0.73
CA PHE A 9 8.30 1.37 -0.42
C PHE A 9 8.78 1.99 -1.72
N SER A 10 7.82 2.41 -2.53
CA SER A 10 8.10 2.91 -3.86
C SER A 10 7.11 4.02 -4.21
N PRO A 11 7.59 5.05 -4.94
CA PRO A 11 6.77 6.19 -5.36
C PRO A 11 5.63 5.80 -6.29
N SER A 12 5.62 4.54 -6.71
CA SER A 12 4.60 4.02 -7.59
C SER A 12 3.20 4.15 -6.98
N CYS A 13 3.12 4.07 -5.65
CA CYS A 13 1.84 4.18 -4.96
C CYS A 13 1.56 5.60 -4.50
N GLU A 14 2.47 6.52 -4.85
CA GLU A 14 2.29 7.96 -4.63
C GLU A 14 1.93 8.30 -3.18
N GLU A 15 2.54 7.59 -2.24
CA GLU A 15 2.31 7.80 -0.81
C GLU A 15 0.85 7.53 -0.44
N LEU A 16 0.28 6.51 -1.06
CA LEU A 16 -1.04 6.01 -0.70
C LEU A 16 -1.00 5.33 0.66
N SER A 17 -2.15 4.82 1.07
CA SER A 17 -2.22 4.08 2.31
C SER A 17 -1.93 2.61 2.02
N ILE A 18 -1.60 1.82 3.03
CA ILE A 18 -1.23 0.44 2.80
C ILE A 18 -2.37 -0.33 2.17
N GLN A 19 -3.59 -0.06 2.62
CA GLN A 19 -4.78 -0.65 2.05
C GLN A 19 -4.92 -0.28 0.57
N GLU A 20 -4.65 0.98 0.26
CA GLU A 20 -4.84 1.48 -1.09
C GLU A 20 -3.72 1.03 -2.03
N CYS A 21 -2.57 0.69 -1.47
CA CYS A 21 -1.41 0.30 -2.27
C CYS A 21 -1.24 -1.22 -2.33
N CYS A 22 -1.70 -1.93 -1.31
CA CYS A 22 -1.46 -3.37 -1.22
C CYS A 22 -2.75 -4.18 -1.05
N CYS A 23 -3.87 -3.53 -0.77
CA CYS A 23 -5.07 -4.26 -0.41
C CYS A 23 -6.29 -3.76 -1.19
N GLY A 24 -6.22 -3.86 -2.51
CA GLY A 24 -7.35 -3.51 -3.34
C GLY A 24 -8.41 -4.59 -3.31
N TRP A 25 -9.61 -4.24 -2.84
CA TRP A 25 -10.70 -5.19 -2.76
C TRP A 25 -11.54 -5.19 -4.03
N GLY A 1 -9.24 -5.22 8.81
CA GLY A 1 -8.54 -4.17 8.03
C GLY A 1 -7.33 -4.71 7.31
N CYS A 2 -6.80 -3.92 6.39
CA CYS A 2 -5.63 -4.31 5.62
C CYS A 2 -4.36 -4.13 6.45
N PRO A 3 -3.51 -5.17 6.52
CA PRO A 3 -2.23 -5.10 7.22
C PRO A 3 -1.14 -4.48 6.35
N PRO A 4 -0.31 -3.58 6.91
CA PRO A 4 0.78 -2.97 6.17
C PRO A 4 1.77 -4.00 5.64
N CYS A 5 2.09 -3.88 4.37
CA CYS A 5 2.97 -4.82 3.70
C CYS A 5 4.37 -4.25 3.57
N LEU A 6 5.35 -5.12 3.40
CA LEU A 6 6.74 -4.69 3.31
C LEU A 6 7.13 -4.49 1.85
N ALA A 7 6.16 -4.68 0.97
CA ALA A 7 6.40 -4.54 -0.46
C ALA A 7 6.07 -3.13 -0.95
N LEU A 8 5.53 -2.30 -0.08
CA LEU A 8 5.20 -0.94 -0.46
C LEU A 8 6.30 0.03 -0.03
N PHE A 9 7.24 0.25 -0.92
CA PHE A 9 8.34 1.19 -0.71
C PHE A 9 8.75 1.80 -2.04
N SER A 10 7.76 2.27 -2.77
CA SER A 10 7.98 2.84 -4.09
C SER A 10 7.00 3.97 -4.35
N PRO A 11 7.47 5.05 -5.02
CA PRO A 11 6.65 6.22 -5.34
C PRO A 11 5.49 5.90 -6.28
N SER A 12 5.44 4.67 -6.75
CA SER A 12 4.37 4.21 -7.64
C SER A 12 3.01 4.27 -6.94
N CYS A 13 2.99 4.17 -5.62
CA CYS A 13 1.75 4.28 -4.87
C CYS A 13 1.45 5.71 -4.47
N GLU A 14 2.44 6.59 -4.70
CA GLU A 14 2.31 8.03 -4.44
C GLU A 14 1.91 8.31 -3.00
N GLU A 15 2.50 7.56 -2.07
CA GLU A 15 2.24 7.71 -0.65
C GLU A 15 0.79 7.42 -0.29
N LEU A 16 0.18 6.54 -1.06
CA LEU A 16 -1.16 6.03 -0.74
C LEU A 16 -1.14 5.28 0.58
N SER A 17 -2.31 4.86 1.01
CA SER A 17 -2.41 4.11 2.25
C SER A 17 -2.04 2.66 1.98
N ILE A 18 -1.68 1.91 3.00
CA ILE A 18 -1.32 0.51 2.80
C ILE A 18 -2.46 -0.27 2.17
N GLN A 19 -3.68 0.05 2.59
CA GLN A 19 -4.87 -0.55 2.02
C GLN A 19 -5.03 -0.20 0.54
N GLU A 20 -4.50 0.96 0.15
CA GLU A 20 -4.65 1.44 -1.21
C GLU A 20 -3.42 1.11 -2.05
N CYS A 21 -2.38 0.59 -1.40
CA CYS A 21 -1.15 0.26 -2.09
C CYS A 21 -0.88 -1.24 -2.06
N CYS A 22 -1.46 -1.95 -1.10
CA CYS A 22 -1.24 -3.39 -0.98
C CYS A 22 -2.55 -4.16 -0.98
N CYS A 23 -3.67 -3.47 -0.84
CA CYS A 23 -4.96 -4.13 -0.84
C CYS A 23 -5.84 -3.58 -1.95
N GLY A 24 -6.89 -4.32 -2.28
CA GLY A 24 -7.80 -3.90 -3.32
C GLY A 24 -9.18 -4.47 -3.10
N TRP A 25 -9.97 -3.80 -2.28
CA TRP A 25 -11.31 -4.27 -1.95
C TRP A 25 -12.32 -3.72 -2.95
N GLY A 1 -9.16 -5.44 8.53
CA GLY A 1 -8.88 -4.57 7.36
C GLY A 1 -7.64 -5.00 6.62
N CYS A 2 -6.91 -4.03 6.08
CA CYS A 2 -5.67 -4.31 5.35
C CYS A 2 -4.47 -4.19 6.29
N PRO A 3 -3.66 -5.25 6.36
CA PRO A 3 -2.40 -5.22 7.12
C PRO A 3 -1.24 -4.72 6.26
N PRO A 4 -0.42 -3.79 6.77
CA PRO A 4 0.70 -3.23 6.02
C PRO A 4 1.75 -4.30 5.69
N CYS A 5 2.14 -4.35 4.43
CA CYS A 5 3.16 -5.26 3.96
C CYS A 5 4.47 -4.52 3.74
N LEU A 6 5.57 -5.25 3.63
CA LEU A 6 6.87 -4.65 3.31
C LEU A 6 7.07 -4.62 1.80
N ALA A 7 5.97 -4.62 1.08
CA ALA A 7 6.01 -4.54 -0.38
C ALA A 7 5.83 -3.10 -0.83
N LEU A 8 5.24 -2.26 0.01
CA LEU A 8 5.01 -0.88 -0.35
C LEU A 8 6.21 -0.01 0.01
N PHE A 9 7.10 0.12 -0.93
CA PHE A 9 8.26 0.99 -0.80
C PHE A 9 8.60 1.55 -2.16
N SER A 10 7.57 2.06 -2.82
CA SER A 10 7.69 2.56 -4.18
C SER A 10 6.82 3.81 -4.35
N PRO A 11 7.37 4.87 -4.98
CA PRO A 11 6.63 6.10 -5.24
C PRO A 11 5.47 5.90 -6.21
N SER A 12 5.39 4.70 -6.78
CA SER A 12 4.35 4.36 -7.74
C SER A 12 2.97 4.40 -7.07
N CYS A 13 2.93 4.24 -5.75
CA CYS A 13 1.68 4.29 -5.02
C CYS A 13 1.36 5.73 -4.58
N GLU A 14 2.18 6.68 -5.05
CA GLU A 14 1.91 8.11 -4.90
C GLU A 14 1.40 8.48 -3.51
N GLU A 15 2.10 8.01 -2.48
CA GLU A 15 1.79 8.35 -1.08
C GLU A 15 0.39 7.89 -0.67
N LEU A 16 -0.06 6.81 -1.28
CA LEU A 16 -1.33 6.18 -0.91
C LEU A 16 -1.23 5.52 0.46
N SER A 17 -2.37 5.03 0.95
CA SER A 17 -2.40 4.31 2.21
C SER A 17 -1.87 2.91 2.01
N ILE A 18 -1.62 2.20 3.10
CA ILE A 18 -1.15 0.84 3.03
C ILE A 18 -2.26 -0.03 2.42
N GLN A 19 -3.47 0.30 2.80
CA GLN A 19 -4.66 -0.32 2.24
C GLN A 19 -4.73 -0.13 0.73
N GLU A 20 -4.32 1.04 0.27
CA GLU A 20 -4.47 1.40 -1.13
C GLU A 20 -3.28 0.96 -1.97
N CYS A 21 -2.14 0.75 -1.33
CA CYS A 21 -0.94 0.35 -2.06
C CYS A 21 -0.69 -1.15 -1.93
N CYS A 22 -1.22 -1.77 -0.89
CA CYS A 22 -0.96 -3.19 -0.65
C CYS A 22 -2.21 -4.03 -0.75
N CYS A 23 -3.37 -3.39 -0.78
CA CYS A 23 -4.63 -4.11 -0.84
C CYS A 23 -5.54 -3.56 -1.93
N GLY A 24 -6.56 -4.31 -2.26
CA GLY A 24 -7.53 -3.89 -3.25
C GLY A 24 -8.91 -4.35 -2.89
N TRP A 25 -9.52 -3.68 -1.92
CA TRP A 25 -10.84 -4.06 -1.46
C TRP A 25 -11.90 -3.25 -2.18
N GLY A 1 -9.75 -4.26 7.63
CA GLY A 1 -8.40 -3.87 8.09
C GLY A 1 -7.30 -4.57 7.31
N CYS A 2 -6.60 -3.81 6.48
CA CYS A 2 -5.52 -4.36 5.68
C CYS A 2 -4.20 -4.24 6.43
N PRO A 3 -3.52 -5.36 6.69
CA PRO A 3 -2.19 -5.36 7.30
C PRO A 3 -1.15 -4.87 6.30
N PRO A 4 -0.28 -3.93 6.71
CA PRO A 4 0.76 -3.40 5.83
C PRO A 4 1.79 -4.46 5.45
N CYS A 5 2.07 -4.54 4.16
CA CYS A 5 3.09 -5.45 3.67
C CYS A 5 4.36 -4.68 3.36
N LEU A 6 5.50 -5.36 3.39
CA LEU A 6 6.79 -4.73 3.12
C LEU A 6 7.02 -4.59 1.62
N ALA A 7 5.93 -4.48 0.88
CA ALA A 7 6.00 -4.31 -0.56
C ALA A 7 5.86 -2.84 -0.93
N LEU A 8 5.23 -2.06 -0.07
CA LEU A 8 5.01 -0.65 -0.36
C LEU A 8 6.13 0.22 0.20
N PHE A 9 7.11 0.46 -0.64
CA PHE A 9 8.18 1.38 -0.34
C PHE A 9 8.61 2.06 -1.63
N SER A 10 7.62 2.51 -2.38
CA SER A 10 7.84 3.09 -3.69
C SER A 10 6.78 4.14 -3.99
N PRO A 11 7.20 5.28 -4.56
CA PRO A 11 6.30 6.36 -4.96
C PRO A 11 5.35 5.93 -6.07
N SER A 12 5.56 4.72 -6.60
CA SER A 12 4.71 4.16 -7.63
C SER A 12 3.27 4.05 -7.16
N CYS A 13 3.08 3.86 -5.85
CA CYS A 13 1.73 3.82 -5.28
C CYS A 13 1.27 5.22 -4.89
N GLU A 14 1.95 6.22 -5.44
CA GLU A 14 1.60 7.63 -5.25
C GLU A 14 1.51 7.98 -3.76
N GLU A 15 2.33 7.29 -2.96
CA GLU A 15 2.37 7.47 -1.52
C GLU A 15 0.96 7.34 -0.93
N LEU A 16 0.22 6.38 -1.45
CA LEU A 16 -1.12 6.07 -0.98
C LEU A 16 -1.09 5.44 0.40
N SER A 17 -2.27 5.11 0.91
CA SER A 17 -2.38 4.45 2.19
C SER A 17 -1.96 2.98 2.04
N ILE A 18 -1.62 2.31 3.13
CA ILE A 18 -1.16 0.94 3.04
C ILE A 18 -2.24 0.04 2.46
N GLN A 19 -3.46 0.25 2.92
CA GLN A 19 -4.60 -0.49 2.40
C GLN A 19 -4.81 -0.19 0.92
N GLU A 20 -4.48 1.02 0.50
CA GLU A 20 -4.74 1.44 -0.87
C GLU A 20 -3.64 0.97 -1.83
N CYS A 21 -2.46 0.68 -1.31
CA CYS A 21 -1.37 0.18 -2.15
C CYS A 21 -1.20 -1.33 -2.03
N CYS A 22 -1.41 -1.85 -0.82
CA CYS A 22 -1.17 -3.27 -0.56
C CYS A 22 -2.47 -4.08 -0.60
N CYS A 23 -3.59 -3.39 -0.61
CA CYS A 23 -4.89 -4.04 -0.68
C CYS A 23 -5.80 -3.29 -1.64
N GLY A 24 -5.21 -2.50 -2.53
CA GLY A 24 -5.97 -1.71 -3.45
C GLY A 24 -6.38 -2.50 -4.67
N TRP A 25 -7.63 -2.91 -4.72
CA TRP A 25 -8.12 -3.73 -5.82
C TRP A 25 -9.15 -2.96 -6.64
N GLY A 1 -9.76 -5.17 7.44
CA GLY A 1 -8.42 -4.86 7.99
C GLY A 1 -7.31 -5.37 7.10
N CYS A 2 -6.67 -4.46 6.37
CA CYS A 2 -5.56 -4.83 5.50
C CYS A 2 -4.24 -4.64 6.24
N PRO A 3 -3.49 -5.73 6.46
CA PRO A 3 -2.17 -5.65 7.10
C PRO A 3 -1.16 -4.89 6.25
N PRO A 4 -0.42 -3.93 6.85
CA PRO A 4 0.65 -3.22 6.15
C PRO A 4 1.70 -4.17 5.60
N CYS A 5 2.07 -3.96 4.35
CA CYS A 5 3.02 -4.83 3.68
C CYS A 5 4.40 -4.19 3.70
N LEU A 6 5.43 -5.01 3.65
CA LEU A 6 6.80 -4.52 3.59
C LEU A 6 7.23 -4.37 2.14
N ALA A 7 6.30 -4.63 1.24
CA ALA A 7 6.54 -4.47 -0.18
C ALA A 7 6.21 -3.06 -0.65
N LEU A 8 5.43 -2.33 0.14
CA LEU A 8 5.05 -0.98 -0.25
C LEU A 8 6.12 0.03 0.17
N PHE A 9 7.05 0.25 -0.74
CA PHE A 9 8.08 1.25 -0.58
C PHE A 9 8.44 1.81 -1.95
N SER A 10 7.41 2.17 -2.70
CA SER A 10 7.58 2.64 -4.06
C SER A 10 6.73 3.88 -4.32
N PRO A 11 7.28 4.88 -5.01
CA PRO A 11 6.56 6.08 -5.40
C PRO A 11 5.42 5.78 -6.38
N SER A 12 5.38 4.54 -6.87
CA SER A 12 4.36 4.11 -7.82
C SER A 12 2.98 4.14 -7.17
N CYS A 13 2.93 4.03 -5.85
CA CYS A 13 1.67 4.08 -5.13
C CYS A 13 1.31 5.50 -4.74
N GLU A 14 2.07 6.48 -5.25
CA GLU A 14 1.80 7.90 -5.01
C GLU A 14 1.73 8.22 -3.51
N GLU A 15 2.51 7.50 -2.72
CA GLU A 15 2.49 7.64 -1.27
C GLU A 15 1.09 7.42 -0.71
N LEU A 16 0.40 6.43 -1.27
CA LEU A 16 -0.92 6.05 -0.79
C LEU A 16 -0.83 5.36 0.56
N SER A 17 -1.98 4.99 1.09
CA SER A 17 -2.02 4.26 2.34
C SER A 17 -1.85 2.77 2.05
N ILE A 18 -1.55 1.96 3.05
CA ILE A 18 -1.26 0.56 2.83
C ILE A 18 -2.44 -0.15 2.16
N GLN A 19 -3.64 0.17 2.62
CA GLN A 19 -4.85 -0.36 2.02
C GLN A 19 -4.97 0.06 0.55
N GLU A 20 -4.60 1.29 0.27
CA GLU A 20 -4.77 1.85 -1.07
C GLU A 20 -3.62 1.41 -2.00
N CYS A 21 -2.52 0.95 -1.41
CA CYS A 21 -1.36 0.56 -2.20
C CYS A 21 -1.20 -0.96 -2.28
N CYS A 22 -1.47 -1.66 -1.20
CA CYS A 22 -1.17 -3.09 -1.12
C CYS A 22 -2.42 -3.94 -0.94
N CYS A 23 -3.55 -3.32 -0.62
CA CYS A 23 -4.75 -4.08 -0.35
C CYS A 23 -5.70 -4.04 -1.54
N GLY A 24 -6.09 -2.84 -1.96
CA GLY A 24 -6.95 -2.69 -3.11
C GLY A 24 -8.42 -2.83 -2.75
N TRP A 25 -8.69 -3.17 -1.50
CA TRP A 25 -10.04 -3.33 -1.01
C TRP A 25 -10.49 -2.09 -0.25
N GLY A 1 -9.76 -5.31 7.26
CA GLY A 1 -8.58 -4.42 7.38
C GLY A 1 -7.38 -4.99 6.66
N CYS A 2 -6.69 -4.12 5.92
CA CYS A 2 -5.51 -4.53 5.18
C CYS A 2 -4.28 -4.37 6.06
N PRO A 3 -3.56 -5.47 6.32
CA PRO A 3 -2.33 -5.43 7.10
C PRO A 3 -1.17 -4.94 6.25
N PRO A 4 -0.36 -3.99 6.76
CA PRO A 4 0.74 -3.41 5.99
C PRO A 4 1.76 -4.48 5.59
N CYS A 5 2.11 -4.48 4.33
CA CYS A 5 3.12 -5.39 3.80
C CYS A 5 4.43 -4.67 3.59
N LEU A 6 5.50 -5.42 3.43
CA LEU A 6 6.82 -4.84 3.18
C LEU A 6 7.03 -4.61 1.70
N ALA A 7 5.93 -4.58 0.95
CA ALA A 7 5.99 -4.37 -0.48
C ALA A 7 5.83 -2.90 -0.84
N LEU A 8 5.23 -2.12 0.05
CA LEU A 8 5.00 -0.71 -0.23
C LEU A 8 6.17 0.15 0.25
N PHE A 9 7.13 0.35 -0.63
CA PHE A 9 8.24 1.24 -0.37
C PHE A 9 8.68 1.86 -1.69
N SER A 10 7.70 2.36 -2.43
CA SER A 10 7.93 2.90 -3.75
C SER A 10 6.92 4.02 -4.04
N PRO A 11 7.34 5.09 -4.73
CA PRO A 11 6.47 6.20 -5.10
C PRO A 11 5.40 5.79 -6.10
N SER A 12 5.51 4.55 -6.59
CA SER A 12 4.60 4.00 -7.58
C SER A 12 3.18 3.90 -7.05
N CYS A 13 3.01 3.91 -5.74
CA CYS A 13 1.69 3.84 -5.14
C CYS A 13 1.07 5.22 -4.94
N GLU A 14 1.64 6.22 -5.61
CA GLU A 14 1.09 7.57 -5.59
C GLU A 14 0.99 8.13 -4.17
N GLU A 15 1.89 7.66 -3.31
CA GLU A 15 1.92 8.07 -1.90
C GLU A 15 0.61 7.75 -1.21
N LEU A 16 0.01 6.65 -1.62
CA LEU A 16 -1.24 6.18 -1.04
C LEU A 16 -1.05 5.59 0.34
N SER A 17 -2.15 5.11 0.90
CA SER A 17 -2.14 4.49 2.21
C SER A 17 -1.76 3.02 2.09
N ILE A 18 -1.60 2.33 3.21
CA ILE A 18 -1.17 0.95 3.16
C ILE A 18 -2.25 0.06 2.56
N GLN A 19 -3.49 0.29 2.96
CA GLN A 19 -4.61 -0.44 2.41
C GLN A 19 -4.76 -0.13 0.92
N GLU A 20 -4.50 1.11 0.55
CA GLU A 20 -4.71 1.56 -0.81
C GLU A 20 -3.56 1.14 -1.74
N CYS A 21 -2.39 0.87 -1.15
CA CYS A 21 -1.23 0.47 -1.95
C CYS A 21 -1.00 -1.05 -1.89
N CYS A 22 -1.24 -1.64 -0.74
CA CYS A 22 -0.95 -3.05 -0.54
C CYS A 22 -2.18 -3.91 -0.78
N CYS A 23 -3.34 -3.25 -0.88
CA CYS A 23 -4.58 -3.95 -1.13
C CYS A 23 -5.39 -3.17 -2.17
N GLY A 24 -6.43 -3.79 -2.69
CA GLY A 24 -7.27 -3.15 -3.68
C GLY A 24 -8.72 -3.10 -3.27
N TRP A 25 -8.96 -3.13 -1.97
CA TRP A 25 -10.31 -3.11 -1.44
C TRP A 25 -10.45 -2.00 -0.41
N GLY A 1 -9.59 -4.34 7.78
CA GLY A 1 -8.36 -3.56 7.48
C GLY A 1 -7.23 -4.45 7.02
N CYS A 2 -6.31 -3.87 6.26
CA CYS A 2 -5.17 -4.60 5.73
C CYS A 2 -3.96 -4.45 6.64
N PRO A 3 -3.25 -5.54 6.93
CA PRO A 3 -1.95 -5.47 7.58
C PRO A 3 -0.92 -4.86 6.63
N PRO A 4 -0.14 -3.87 7.11
CA PRO A 4 0.86 -3.20 6.28
C PRO A 4 1.82 -4.18 5.62
N CYS A 5 2.05 -3.99 4.34
CA CYS A 5 2.88 -4.90 3.56
C CYS A 5 4.27 -4.32 3.38
N LEU A 6 5.28 -5.18 3.36
CA LEU A 6 6.66 -4.75 3.19
C LEU A 6 7.00 -4.61 1.72
N ALA A 7 5.97 -4.67 0.88
CA ALA A 7 6.15 -4.51 -0.55
C ALA A 7 5.99 -3.05 -0.98
N LEU A 8 5.41 -2.24 -0.11
CA LEU A 8 5.17 -0.84 -0.44
C LEU A 8 6.23 0.06 0.16
N PHE A 9 7.25 0.35 -0.63
CA PHE A 9 8.27 1.31 -0.27
C PHE A 9 8.75 2.02 -1.53
N SER A 10 7.79 2.47 -2.32
CA SER A 10 8.07 3.09 -3.59
C SER A 10 7.00 4.13 -3.91
N PRO A 11 7.41 5.28 -4.49
CA PRO A 11 6.49 6.36 -4.90
C PRO A 11 5.49 5.91 -5.95
N SER A 12 5.67 4.69 -6.45
CA SER A 12 4.81 4.14 -7.49
C SER A 12 3.38 3.89 -6.98
N CYS A 13 3.15 4.08 -5.69
CA CYS A 13 1.80 4.01 -5.15
C CYS A 13 1.25 5.41 -4.89
N GLU A 14 1.94 6.43 -5.42
CA GLU A 14 1.52 7.82 -5.30
C GLU A 14 1.21 8.22 -3.86
N GLU A 15 1.99 7.66 -2.91
CA GLU A 15 1.82 7.93 -1.48
C GLU A 15 0.45 7.51 -0.99
N LEU A 16 -0.07 6.45 -1.58
CA LEU A 16 -1.29 5.81 -1.10
C LEU A 16 -1.05 5.14 0.24
N SER A 17 -2.11 4.87 0.97
CA SER A 17 -1.99 4.22 2.25
C SER A 17 -1.81 2.71 2.04
N ILE A 18 -1.44 1.97 3.07
CA ILE A 18 -1.14 0.56 2.91
C ILE A 18 -2.33 -0.21 2.34
N GLN A 19 -3.51 0.13 2.82
CA GLN A 19 -4.75 -0.50 2.36
C GLN A 19 -5.09 -0.08 0.93
N GLU A 20 -4.49 0.99 0.45
CA GLU A 20 -4.76 1.47 -0.90
C GLU A 20 -3.63 1.08 -1.86
N CYS A 21 -2.46 0.81 -1.32
CA CYS A 21 -1.30 0.44 -2.12
C CYS A 21 -1.12 -1.08 -2.16
N CYS A 22 -1.42 -1.76 -1.05
CA CYS A 22 -1.26 -3.21 -0.99
C CYS A 22 -2.60 -3.92 -1.14
N CYS A 23 -3.68 -3.16 -1.04
CA CYS A 23 -5.02 -3.69 -1.19
C CYS A 23 -5.78 -2.89 -2.24
N GLY A 24 -6.71 -3.54 -2.92
CA GLY A 24 -7.48 -2.86 -3.94
C GLY A 24 -8.86 -3.46 -4.11
N TRP A 25 -9.66 -3.40 -3.07
CA TRP A 25 -11.01 -3.93 -3.12
C TRP A 25 -12.01 -2.79 -3.28
N GLY A 1 -9.63 -4.80 8.28
CA GLY A 1 -8.46 -3.96 7.94
C GLY A 1 -7.36 -4.76 7.27
N CYS A 2 -6.61 -4.12 6.39
CA CYS A 2 -5.53 -4.79 5.67
C CYS A 2 -4.20 -4.57 6.39
N PRO A 3 -3.48 -5.66 6.70
CA PRO A 3 -2.15 -5.57 7.33
C PRO A 3 -1.13 -4.87 6.42
N PRO A 4 -0.27 -4.01 7.00
CA PRO A 4 0.78 -3.32 6.24
C PRO A 4 1.78 -4.30 5.62
N CYS A 5 2.10 -4.08 4.37
CA CYS A 5 2.98 -4.96 3.63
C CYS A 5 4.39 -4.36 3.54
N LEU A 6 5.38 -5.18 3.28
CA LEU A 6 6.75 -4.71 3.10
C LEU A 6 7.03 -4.48 1.63
N ALA A 7 6.01 -4.64 0.81
CA ALA A 7 6.13 -4.40 -0.62
C ALA A 7 5.98 -2.92 -0.93
N LEU A 8 5.31 -2.17 -0.06
CA LEU A 8 5.07 -0.76 -0.33
C LEU A 8 6.17 0.11 0.24
N PHE A 9 7.16 0.37 -0.58
CA PHE A 9 8.23 1.31 -0.28
C PHE A 9 8.67 1.95 -1.58
N SER A 10 7.69 2.40 -2.34
CA SER A 10 7.92 2.89 -3.68
C SER A 10 7.00 4.04 -4.00
N PRO A 11 7.51 5.09 -4.69
CA PRO A 11 6.71 6.23 -5.11
C PRO A 11 5.65 5.84 -6.15
N SER A 12 5.71 4.59 -6.60
CA SER A 12 4.77 4.08 -7.59
C SER A 12 3.34 4.11 -7.06
N CYS A 13 3.18 4.07 -5.73
CA CYS A 13 1.86 4.12 -5.13
C CYS A 13 1.41 5.55 -4.85
N GLU A 14 2.27 6.51 -5.21
CA GLU A 14 1.95 7.93 -5.14
C GLU A 14 1.53 8.38 -3.74
N GLU A 15 2.23 7.88 -2.73
CA GLU A 15 1.97 8.24 -1.34
C GLU A 15 0.60 7.76 -0.87
N LEU A 16 0.14 6.66 -1.44
CA LEU A 16 -1.11 6.04 -1.01
C LEU A 16 -0.95 5.37 0.35
N SER A 17 -2.07 4.89 0.87
CA SER A 17 -2.07 4.21 2.15
C SER A 17 -1.82 2.72 1.92
N ILE A 18 -1.53 1.97 2.97
CA ILE A 18 -1.24 0.56 2.82
C ILE A 18 -2.43 -0.18 2.22
N GLN A 19 -3.61 0.18 2.67
CA GLN A 19 -4.86 -0.39 2.19
C GLN A 19 -5.11 -0.04 0.72
N GLU A 20 -4.50 1.04 0.24
CA GLU A 20 -4.72 1.48 -1.12
C GLU A 20 -3.56 1.08 -2.03
N CYS A 21 -2.40 0.82 -1.45
CA CYS A 21 -1.21 0.46 -2.21
C CYS A 21 -1.02 -1.05 -2.24
N CYS A 22 -1.39 -1.74 -1.17
CA CYS A 22 -1.18 -3.18 -1.09
C CYS A 22 -2.50 -3.94 -0.99
N CYS A 23 -3.58 -3.23 -0.77
CA CYS A 23 -4.87 -3.87 -0.56
C CYS A 23 -5.90 -3.28 -1.51
N GLY A 24 -7.14 -3.74 -1.40
CA GLY A 24 -8.20 -3.25 -2.25
C GLY A 24 -9.39 -4.17 -2.22
N TRP A 25 -9.77 -4.57 -1.02
CA TRP A 25 -10.84 -5.54 -0.85
C TRP A 25 -11.92 -4.97 0.07
N GLY A 1 -9.49 -5.95 8.07
CA GLY A 1 -8.80 -5.08 7.10
C GLY A 1 -7.44 -5.61 6.70
N CYS A 2 -6.82 -5.01 5.70
CA CYS A 2 -5.55 -5.47 5.19
C CYS A 2 -4.41 -4.86 6.00
N PRO A 3 -3.42 -5.68 6.39
CA PRO A 3 -2.28 -5.22 7.19
C PRO A 3 -1.21 -4.54 6.33
N PRO A 4 -0.39 -3.66 6.93
CA PRO A 4 0.69 -3.00 6.20
C PRO A 4 1.66 -3.98 5.59
N CYS A 5 1.95 -3.77 4.32
CA CYS A 5 2.89 -4.60 3.60
C CYS A 5 4.22 -3.88 3.48
N LEU A 6 5.29 -4.64 3.30
CA LEU A 6 6.62 -4.04 3.21
C LEU A 6 7.04 -3.89 1.76
N ALA A 7 6.13 -4.21 0.86
CA ALA A 7 6.34 -4.02 -0.56
C ALA A 7 6.14 -2.56 -0.94
N LEU A 8 5.38 -1.83 -0.13
CA LEU A 8 5.07 -0.44 -0.43
C LEU A 8 6.14 0.50 0.13
N PHE A 9 7.14 0.76 -0.71
CA PHE A 9 8.15 1.77 -0.43
C PHE A 9 8.62 2.36 -1.76
N SER A 10 7.66 2.73 -2.59
CA SER A 10 7.96 3.13 -3.96
C SER A 10 6.99 4.21 -4.45
N PRO A 11 7.48 5.16 -5.25
CA PRO A 11 6.66 6.19 -5.89
C PRO A 11 5.59 5.60 -6.81
N SER A 12 5.63 4.28 -7.02
CA SER A 12 4.60 3.60 -7.80
C SER A 12 3.24 3.78 -7.13
N CYS A 13 3.18 3.57 -5.81
CA CYS A 13 1.95 3.78 -5.07
C CYS A 13 1.86 5.21 -4.55
N GLU A 14 2.95 5.95 -4.77
CA GLU A 14 3.02 7.38 -4.40
C GLU A 14 2.70 7.61 -2.93
N GLU A 15 3.23 6.73 -2.08
CA GLU A 15 3.06 6.83 -0.63
C GLU A 15 1.59 6.71 -0.23
N LEU A 16 0.83 5.96 -1.03
CA LEU A 16 -0.55 5.64 -0.71
C LEU A 16 -0.64 4.87 0.59
N SER A 17 -1.82 4.86 1.20
CA SER A 17 -2.02 4.12 2.42
C SER A 17 -1.89 2.63 2.14
N ILE A 18 -1.60 1.82 3.15
CA ILE A 18 -1.35 0.41 2.91
C ILE A 18 -2.56 -0.28 2.29
N GLN A 19 -3.73 0.08 2.79
CA GLN A 19 -4.99 -0.43 2.27
C GLN A 19 -5.24 0.06 0.85
N GLU A 20 -4.56 1.13 0.45
CA GLU A 20 -4.74 1.72 -0.88
C GLU A 20 -3.71 1.19 -1.87
N CYS A 21 -2.59 0.68 -1.36
CA CYS A 21 -1.52 0.19 -2.23
C CYS A 21 -1.45 -1.33 -2.24
N CYS A 22 -1.52 -1.94 -1.07
CA CYS A 22 -1.35 -3.38 -0.96
C CYS A 22 -2.70 -4.09 -0.92
N CYS A 23 -3.76 -3.33 -0.79
CA CYS A 23 -5.09 -3.89 -0.64
C CYS A 23 -6.07 -3.18 -1.57
N GLY A 24 -7.26 -3.72 -1.69
CA GLY A 24 -8.29 -3.09 -2.51
C GLY A 24 -9.66 -3.58 -2.10
N TRP A 25 -9.81 -3.90 -0.83
CA TRP A 25 -11.04 -4.47 -0.31
C TRP A 25 -11.46 -3.75 0.97
#